data_5R23
#
_entry.id   5R23
#
_cell.length_a   45.224
_cell.length_b   73.085
_cell.length_c   52.586
_cell.angle_alpha   90.000
_cell.angle_beta   109.440
_cell.angle_gamma   90.000
#
_symmetry.space_group_name_H-M   'P 1 21 1'
#
loop_
_entity.id
_entity.type
_entity.pdbx_description
1 polymer Endothiapepsin
2 non-polymer N-(3-fluorophenyl)-2-(2-methoxyethoxy)acetamide
3 water water
#
_entity_poly.entity_id   1
_entity_poly.type   'polypeptide(L)'
_entity_poly.pdbx_seq_one_letter_code
;MSSPLKNALVTAMLAGGALSSPTKQHVGIPVNASPEVGPGKYSFKQVRNPNYKFNGPLSVKKTYLKYGVPIPAWLEDAVQ
NSTSGLAERSTGSATTTPIDSLDDAYITPVQIGTPAQTLNLDFDTGSSDLWVFSSETTASEVDGQTIYTPSKSTTAKLLS
GATWSISYGDGSSSSGDVYTDTVSVGGLTVTGQAVESAKKVSSSFTEDSTIDGLLGLAFSTLNTVSPTQQKTFFDNAKAS
LDSPVFTADLGYHAPGTYNFGFIDTTAYTGSITYTAVSTKQGFWEWTSTGYAVGSGTFKSTSIDGIADTGTTLLYLPATV
VSAYWAQVSGAKSSSSVGGYVFPCSATLPSFTFGVGSARIVIPGDYIDFGPISTGSSSCFGGIQSSAGIGINIFGDVALK
AAFVVFNGATTPTLGFASK
;
_entity_poly.pdbx_strand_id   A
#
loop_
_chem_comp.id
_chem_comp.type
_chem_comp.name
_chem_comp.formula
RAY non-polymer N-(3-fluorophenyl)-2-(2-methoxyethoxy)acetamide 'C11 H14 F N O3'
#
# COMPACT_ATOMS: atom_id res chain seq x y z
N SER A 90 13.80 -0.87 -19.96
CA SER A 90 12.34 -0.69 -20.08
C SER A 90 11.80 0.14 -18.93
N THR A 91 10.59 0.64 -19.11
CA THR A 91 9.86 1.31 -18.05
C THR A 91 8.39 0.94 -18.15
N GLY A 92 7.64 1.25 -17.09
CA GLY A 92 6.19 1.22 -17.14
C GLY A 92 5.62 2.37 -16.34
N SER A 93 4.38 2.74 -16.66
CA SER A 93 3.72 3.84 -15.96
C SER A 93 2.22 3.58 -16.00
N ALA A 94 1.60 3.54 -14.83
CA ALA A 94 0.17 3.25 -14.74
C ALA A 94 -0.48 4.18 -13.74
N THR A 95 -1.68 4.60 -14.08
CA THR A 95 -2.48 5.40 -13.18
C THR A 95 -3.12 4.53 -12.13
N THR A 96 -3.11 5.02 -10.89
CA THR A 96 -3.76 4.36 -9.77
C THR A 96 -4.89 5.25 -9.27
N THR A 97 -6.04 4.65 -8.96
CA THR A 97 -7.27 5.40 -8.76
C THR A 97 -7.88 5.00 -7.42
N PRO A 98 -8.29 5.95 -6.58
CA PRO A 98 -8.95 5.56 -5.32
CA PRO A 98 -8.96 5.57 -5.33
C PRO A 98 -10.23 4.78 -5.59
N ILE A 99 -10.49 3.79 -4.74
CA ILE A 99 -11.67 2.96 -4.93
C ILE A 99 -12.95 3.64 -4.45
N ASP A 100 -12.84 4.69 -3.65
CA ASP A 100 -14.01 5.34 -3.08
C ASP A 100 -13.62 6.75 -2.68
N SER A 101 -14.59 7.48 -2.12
CA SER A 101 -14.42 8.90 -1.84
C SER A 101 -13.50 9.17 -0.66
N LEU A 102 -13.12 8.13 0.08
CA LEU A 102 -12.26 8.26 1.25
C LEU A 102 -10.81 7.86 0.97
N ASP A 103 -10.49 7.42 -0.25
CA ASP A 103 -9.17 6.87 -0.54
C ASP A 103 -8.89 5.63 0.33
N ASP A 104 -9.88 4.75 0.50
CA ASP A 104 -9.64 3.57 1.33
C ASP A 104 -8.57 2.67 0.75
N ALA A 105 -8.45 2.67 -0.57
CA ALA A 105 -7.42 1.91 -1.25
C ALA A 105 -7.36 2.47 -2.65
N TYR A 106 -6.36 2.02 -3.41
CA TYR A 106 -6.13 2.46 -4.78
C TYR A 106 -6.03 1.23 -5.66
N ILE A 107 -6.61 1.32 -6.86
CA ILE A 107 -6.56 0.22 -7.82
C ILE A 107 -5.84 0.66 -9.08
N THR A 108 -5.08 -0.27 -9.66
CA THR A 108 -4.25 -0.03 -10.82
C THR A 108 -4.55 -1.13 -11.83
N PRO A 109 -4.82 -0.80 -13.09
CA PRO A 109 -5.13 -1.85 -14.05
C PRO A 109 -3.88 -2.64 -14.41
N VAL A 110 -4.05 -3.95 -14.51
CA VAL A 110 -2.97 -4.88 -14.79
C VAL A 110 -3.46 -5.84 -15.86
N GLN A 111 -2.66 -6.03 -16.91
CA GLN A 111 -2.97 -6.96 -17.98
C GLN A 111 -2.35 -8.31 -17.68
N ILE A 112 -3.18 -9.35 -17.68
CA ILE A 112 -2.74 -10.71 -17.39
C ILE A 112 -3.14 -11.62 -18.54
N GLY A 113 -2.18 -12.37 -19.06
CA GLY A 113 -2.49 -13.39 -20.04
C GLY A 113 -2.55 -12.91 -21.47
N THR A 114 -2.91 -13.86 -22.35
CA THR A 114 -2.97 -13.65 -23.78
C THR A 114 -4.22 -14.32 -24.33
N PRO A 115 -5.17 -13.58 -24.93
CA PRO A 115 -5.22 -12.12 -24.93
C PRO A 115 -5.30 -11.57 -23.52
N ALA A 116 -5.01 -10.28 -23.38
CA ALA A 116 -4.96 -9.68 -22.06
C ALA A 116 -6.32 -9.77 -21.39
N GLN A 117 -6.28 -10.08 -20.10
CA GLN A 117 -7.40 -9.92 -19.20
C GLN A 117 -6.99 -8.82 -18.23
N THR A 118 -7.72 -7.72 -18.21
CA THR A 118 -7.35 -6.58 -17.39
C THR A 118 -8.10 -6.67 -16.08
N LEU A 119 -7.35 -6.74 -14.98
CA LEU A 119 -7.88 -6.75 -13.63
C LEU A 119 -7.36 -5.53 -12.90
N ASN A 120 -8.15 -5.03 -11.95
CA ASN A 120 -7.76 -3.84 -11.20
C ASN A 120 -7.24 -4.31 -9.85
N LEU A 121 -5.93 -4.18 -9.66
CA LEU A 121 -5.26 -4.74 -8.50
C LEU A 121 -4.84 -3.65 -7.53
N ASP A 122 -4.78 -4.04 -6.25
CA ASP A 122 -4.31 -3.17 -5.18
C ASP A 122 -2.80 -3.41 -5.05
N PHE A 123 -2.01 -2.44 -5.47
CA PHE A 123 -0.56 -2.53 -5.37
C PHE A 123 -0.17 -2.33 -3.91
N ASP A 124 0.55 -3.30 -3.36
CA ASP A 124 0.74 -3.40 -1.92
C ASP A 124 2.22 -3.55 -1.60
N THR A 125 2.88 -2.46 -1.20
CA THR A 125 4.28 -2.55 -0.83
C THR A 125 4.50 -3.23 0.52
N GLY A 126 3.45 -3.32 1.32
CA GLY A 126 3.53 -4.01 2.61
C GLY A 126 3.38 -5.50 2.42
N SER A 127 3.22 -6.00 1.20
CA SER A 127 3.16 -7.48 0.97
C SER A 127 3.78 -8.00 -0.36
N SER A 128 3.92 -9.30 -0.58
CA SER A 128 4.71 -9.85 -1.73
C SER A 128 4.08 -10.93 -2.61
N ASP A 129 2.76 -11.18 -2.67
CA ASP A 129 2.00 -12.10 -3.51
C ASP A 129 1.20 -11.29 -4.52
N LEU A 130 1.19 -11.77 -5.77
CA LEU A 130 0.31 -11.25 -6.80
C LEU A 130 -0.80 -12.28 -6.92
N TRP A 131 -1.97 -11.96 -6.37
CA TRP A 131 -3.08 -12.90 -6.39
C TRP A 131 -4.33 -12.23 -6.95
N VAL A 132 -5.17 -13.04 -7.57
CA VAL A 132 -6.34 -12.55 -8.28
C VAL A 132 -7.56 -13.40 -7.99
N PHE A 133 -8.72 -12.73 -7.98
CA PHE A 133 -9.99 -13.42 -8.18
C PHE A 133 -9.94 -14.15 -9.52
N SER A 134 -10.54 -15.34 -9.57
CA SER A 134 -10.35 -16.17 -10.74
C SER A 134 -11.57 -17.03 -11.00
N SER A 135 -11.53 -17.74 -12.11
CA SER A 135 -12.54 -18.74 -12.43
C SER A 135 -12.54 -19.88 -11.42
N GLU A 136 -11.49 -19.98 -10.59
CA GLU A 136 -11.41 -21.00 -9.56
C GLU A 136 -11.95 -20.53 -8.21
N THR A 137 -12.22 -19.25 -8.05
CA THR A 137 -12.69 -18.74 -6.76
C THR A 137 -14.09 -19.27 -6.47
N THR A 138 -14.28 -19.78 -5.25
CA THR A 138 -15.59 -20.23 -4.80
C THR A 138 -16.66 -19.23 -5.20
N ALA A 139 -17.68 -19.69 -5.91
CA ALA A 139 -18.61 -18.79 -6.57
C ALA A 139 -19.28 -17.85 -5.57
N SER A 140 -19.65 -18.35 -4.39
CA SER A 140 -20.33 -17.52 -3.41
C SER A 140 -19.42 -16.44 -2.82
N GLU A 141 -18.13 -16.51 -3.10
CA GLU A 141 -17.17 -15.55 -2.58
C GLU A 141 -16.79 -14.51 -3.62
N VAL A 142 -17.43 -14.55 -4.79
CA VAL A 142 -17.24 -13.55 -5.85
C VAL A 142 -18.51 -12.72 -5.92
N ASP A 143 -18.36 -11.40 -5.82
CA ASP A 143 -19.50 -10.50 -5.84
C ASP A 143 -19.09 -9.23 -6.60
N GLY A 144 -19.02 -9.34 -7.92
CA GLY A 144 -18.79 -8.20 -8.78
C GLY A 144 -17.37 -7.99 -9.25
N GLN A 145 -16.39 -8.71 -8.69
CA GLN A 145 -15.02 -8.56 -9.14
C GLN A 145 -14.86 -9.12 -10.55
N THR A 146 -13.87 -8.59 -11.26
CA THR A 146 -13.45 -9.19 -12.51
C THR A 146 -12.49 -10.33 -12.20
N ILE A 147 -12.66 -11.44 -12.90
CA ILE A 147 -11.90 -12.65 -12.62
C ILE A 147 -10.93 -12.93 -13.75
N TYR A 148 -9.80 -13.54 -13.38
CA TYR A 148 -8.84 -14.12 -14.29
C TYR A 148 -9.26 -15.55 -14.58
N THR A 149 -9.35 -15.90 -15.86
CA THR A 149 -9.68 -17.25 -16.28
C THR A 149 -8.47 -17.82 -17.00
N PRO A 150 -7.62 -18.60 -16.32
CA PRO A 150 -6.39 -19.05 -16.99
C PRO A 150 -6.65 -19.90 -18.21
N SER A 151 -7.76 -20.65 -18.26
CA SER A 151 -8.01 -21.50 -19.41
C SER A 151 -8.23 -20.71 -20.69
N LYS A 152 -8.50 -19.41 -20.58
CA LYS A 152 -8.67 -18.54 -21.74
C LYS A 152 -7.39 -17.83 -22.13
N SER A 153 -6.30 -18.05 -21.41
CA SER A 153 -5.01 -17.43 -21.71
C SER A 153 -4.09 -18.47 -22.33
N THR A 154 -3.63 -18.20 -23.55
CA THR A 154 -2.78 -19.16 -24.25
C THR A 154 -1.38 -19.22 -23.66
N THR A 155 -1.01 -18.27 -22.82
CA THR A 155 0.30 -18.24 -22.17
C THR A 155 0.27 -18.72 -20.73
N ALA A 156 -0.90 -19.05 -20.18
CA ALA A 156 -0.98 -19.51 -18.81
C ALA A 156 -0.50 -20.94 -18.71
N LYS A 157 0.22 -21.23 -17.64
CA LYS A 157 0.65 -22.59 -17.35
CA LYS A 157 0.68 -22.58 -17.34
C LYS A 157 0.51 -22.84 -15.85
N LEU A 158 -0.12 -23.96 -15.50
CA LEU A 158 -0.24 -24.30 -14.10
C LEU A 158 1.15 -24.53 -13.54
N LEU A 159 1.44 -23.94 -12.39
CA LEU A 159 2.69 -24.19 -11.68
C LEU A 159 2.42 -25.40 -10.81
N SER A 160 2.86 -26.56 -11.27
CA SER A 160 2.40 -27.81 -10.72
CA SER A 160 2.40 -27.82 -10.72
C SER A 160 2.79 -27.96 -9.26
N GLY A 161 1.80 -28.28 -8.42
CA GLY A 161 2.02 -28.52 -7.02
C GLY A 161 2.08 -27.29 -6.15
N ALA A 162 2.05 -26.11 -6.74
CA ALA A 162 2.24 -24.88 -5.97
C ALA A 162 0.92 -24.40 -5.38
N THR A 163 0.95 -24.01 -4.11
CA THR A 163 -0.19 -23.43 -3.45
C THR A 163 0.28 -22.18 -2.72
N TRP A 164 -0.69 -21.37 -2.32
CA TRP A 164 -0.38 -20.18 -1.56
C TRP A 164 -1.50 -19.93 -0.56
N SER A 165 -1.18 -19.17 0.47
CA SER A 165 -2.14 -18.86 1.56
C SER A 165 -1.55 -17.69 2.31
N ILE A 166 -2.27 -16.57 2.41
CA ILE A 166 -1.75 -15.38 3.10
C ILE A 166 -2.81 -14.95 4.11
N SER A 167 -2.38 -14.42 5.25
CA SER A 167 -3.27 -13.76 6.22
C SER A 167 -2.74 -12.34 6.44
N TYR A 168 -3.49 -11.28 6.12
CA TYR A 168 -3.07 -9.87 6.19
C TYR A 168 -3.32 -9.27 7.56
N GLY A 169 -2.61 -8.15 7.88
CA GLY A 169 -2.67 -7.54 9.20
C GLY A 169 -4.06 -7.14 9.64
N ASP A 170 -4.96 -6.91 8.70
CA ASP A 170 -6.34 -6.52 9.01
C ASP A 170 -7.24 -7.72 9.24
N GLY A 171 -6.70 -8.93 9.23
CA GLY A 171 -7.49 -10.12 9.47
C GLY A 171 -8.06 -10.76 8.24
N SER A 172 -7.88 -10.16 7.06
CA SER A 172 -8.36 -10.77 5.84
C SER A 172 -7.38 -11.82 5.35
N SER A 173 -7.82 -12.66 4.41
CA SER A 173 -7.01 -13.76 3.96
C SER A 173 -7.50 -14.26 2.62
N SER A 174 -6.66 -15.05 1.96
CA SER A 174 -7.00 -15.67 0.70
C SER A 174 -6.00 -16.80 0.45
N SER A 175 -6.37 -17.73 -0.43
CA SER A 175 -5.50 -18.86 -0.72
C SER A 175 -5.91 -19.50 -2.04
N GLY A 176 -5.00 -20.30 -2.60
CA GLY A 176 -5.34 -21.00 -3.84
C GLY A 176 -4.15 -21.70 -4.45
N ASP A 177 -4.18 -21.81 -5.78
CA ASP A 177 -3.10 -22.41 -6.55
C ASP A 177 -2.45 -21.35 -7.43
N VAL A 178 -1.56 -21.77 -8.32
CA VAL A 178 -0.66 -20.83 -8.97
C VAL A 178 -0.49 -21.18 -10.44
N TYR A 179 -0.53 -20.14 -11.26
CA TYR A 179 -0.20 -20.22 -12.67
C TYR A 179 0.98 -19.30 -12.91
N THR A 180 1.72 -19.56 -13.98
CA THR A 180 2.59 -18.53 -14.53
C THR A 180 1.94 -17.99 -15.80
N ASP A 181 2.13 -16.70 -16.02
CA ASP A 181 1.53 -16.05 -17.18
C ASP A 181 2.26 -14.74 -17.41
N THR A 182 1.94 -14.13 -18.55
CA THR A 182 2.47 -12.81 -18.88
C THR A 182 1.67 -11.73 -18.16
N VAL A 183 2.37 -10.81 -17.52
CA VAL A 183 1.73 -9.74 -16.75
C VAL A 183 2.35 -8.43 -17.19
N SER A 184 1.51 -7.46 -17.51
CA SER A 184 1.97 -6.15 -17.92
C SER A 184 1.32 -5.08 -17.06
N VAL A 185 2.12 -4.10 -16.67
CA VAL A 185 1.67 -2.95 -15.90
C VAL A 185 2.14 -1.72 -16.63
N GLY A 186 1.21 -0.91 -17.13
CA GLY A 186 1.60 0.36 -17.70
C GLY A 186 2.62 0.25 -18.81
N GLY A 187 2.55 -0.81 -19.61
CA GLY A 187 3.47 -1.00 -20.70
C GLY A 187 4.71 -1.83 -20.40
N LEU A 188 4.93 -2.19 -19.14
CA LEU A 188 6.07 -3.01 -18.73
C LEU A 188 5.60 -4.45 -18.61
N THR A 189 6.25 -5.35 -19.34
CA THR A 189 5.80 -6.74 -19.43
C THR A 189 6.80 -7.68 -18.77
N VAL A 190 6.28 -8.58 -17.93
CA VAL A 190 7.03 -9.70 -17.37
C VAL A 190 6.43 -10.99 -17.90
N THR A 191 7.24 -11.84 -18.48
CA THR A 191 6.77 -13.19 -18.82
C THR A 191 7.09 -14.13 -17.67
N GLY A 192 6.27 -15.16 -17.52
CA GLY A 192 6.51 -16.14 -16.49
C GLY A 192 6.26 -15.66 -15.08
N GLN A 193 5.45 -14.63 -14.90
CA GLN A 193 5.11 -14.16 -13.56
C GLN A 193 4.17 -15.14 -12.87
N ALA A 194 4.44 -15.41 -11.60
CA ALA A 194 3.52 -16.19 -10.79
C ALA A 194 2.26 -15.39 -10.52
N VAL A 195 1.14 -15.91 -11.01
CA VAL A 195 -0.18 -15.34 -10.80
C VAL A 195 -0.92 -16.31 -9.90
N GLU A 196 -1.18 -15.88 -8.68
CA GLU A 196 -1.75 -16.75 -7.65
C GLU A 196 -3.26 -16.66 -7.76
N SER A 197 -3.88 -17.76 -8.13
CA SER A 197 -5.31 -17.79 -8.39
C SER A 197 -6.05 -18.17 -7.11
N ALA A 198 -6.96 -17.31 -6.68
CA ALA A 198 -7.67 -17.56 -5.43
C ALA A 198 -8.71 -18.64 -5.61
N LYS A 199 -8.64 -19.66 -4.76
CA LYS A 199 -9.77 -20.57 -4.58
C LYS A 199 -10.70 -20.09 -3.47
N LYS A 200 -10.16 -19.41 -2.47
CA LYS A 200 -10.92 -18.91 -1.34
C LYS A 200 -10.44 -17.50 -1.03
N VAL A 201 -11.37 -16.63 -0.67
CA VAL A 201 -11.07 -15.31 -0.18
C VAL A 201 -11.95 -15.05 1.03
N SER A 202 -11.47 -14.21 1.95
CA SER A 202 -12.27 -13.88 3.12
C SER A 202 -13.31 -12.81 2.77
N SER A 203 -14.24 -12.62 3.70
CA SER A 203 -15.43 -11.82 3.42
C SER A 203 -15.09 -10.39 3.03
N SER A 204 -14.05 -9.80 3.62
CA SER A 204 -13.75 -8.40 3.28
C SER A 204 -13.36 -8.26 1.82
N PHE A 205 -12.72 -9.28 1.24
CA PHE A 205 -12.42 -9.22 -0.18
C PHE A 205 -13.69 -9.39 -1.01
N THR A 206 -14.52 -10.37 -0.67
CA THR A 206 -15.78 -10.54 -1.39
C THR A 206 -16.59 -9.27 -1.40
N GLU A 207 -16.63 -8.59 -0.25
CA GLU A 207 -17.50 -7.44 -0.06
C GLU A 207 -16.99 -6.19 -0.77
N ASP A 208 -15.77 -6.21 -1.27
CA ASP A 208 -15.20 -5.07 -1.98
C ASP A 208 -15.14 -5.42 -3.46
N SER A 209 -16.16 -5.01 -4.20
CA SER A 209 -16.26 -5.39 -5.61
C SER A 209 -15.24 -4.68 -6.48
N THR A 210 -14.57 -3.65 -5.96
CA THR A 210 -13.67 -2.83 -6.77
C THR A 210 -12.24 -3.37 -6.85
N ILE A 211 -11.87 -4.31 -6.00
CA ILE A 211 -10.51 -4.83 -5.94
C ILE A 211 -10.53 -6.27 -6.44
N ASP A 212 -9.84 -6.51 -7.55
CA ASP A 212 -9.82 -7.82 -8.20
C ASP A 212 -8.64 -8.67 -7.75
N GLY A 213 -7.82 -8.16 -6.84
CA GLY A 213 -6.67 -8.87 -6.33
C GLY A 213 -5.63 -7.89 -5.85
N LEU A 214 -4.49 -8.43 -5.46
CA LEU A 214 -3.36 -7.66 -4.96
C LEU A 214 -2.13 -7.93 -5.80
N LEU A 215 -1.29 -6.91 -5.91
CA LEU A 215 0.02 -7.05 -6.53
C LEU A 215 1.06 -6.60 -5.50
N GLY A 216 1.74 -7.58 -4.92
CA GLY A 216 2.68 -7.32 -3.85
C GLY A 216 3.99 -6.76 -4.37
N LEU A 217 4.50 -5.78 -3.64
CA LEU A 217 5.71 -5.06 -3.99
C LEU A 217 6.70 -4.98 -2.82
N ALA A 218 6.49 -5.75 -1.76
CA ALA A 218 7.52 -5.95 -0.74
C ALA A 218 8.55 -6.94 -1.27
N PHE A 219 9.45 -7.39 -0.40
CA PHE A 219 10.55 -8.24 -0.85
C PHE A 219 10.07 -9.68 -1.03
N SER A 220 10.64 -10.36 -2.02
CA SER A 220 10.14 -11.67 -2.39
C SER A 220 10.30 -12.71 -1.28
N THR A 221 11.15 -12.48 -0.30
CA THR A 221 11.28 -13.39 0.87
C THR A 221 9.96 -13.54 1.65
N LEU A 222 9.00 -12.58 1.53
CA LEU A 222 7.64 -12.71 2.15
C LEU A 222 6.65 -13.41 1.23
N ASN A 223 7.00 -13.78 0.01
CA ASN A 223 6.04 -14.46 -0.87
C ASN A 223 5.66 -15.79 -0.22
N THR A 224 4.37 -16.16 -0.30
CA THR A 224 3.82 -17.31 0.43
C THR A 224 3.73 -18.57 -0.43
N VAL A 225 4.12 -18.60 -1.72
CA VAL A 225 3.94 -19.79 -2.54
C VAL A 225 4.82 -20.91 -2.00
N SER A 226 4.25 -22.10 -1.96
CA SER A 226 4.90 -23.29 -1.46
C SER A 226 4.68 -24.40 -2.46
N PRO A 227 5.67 -25.28 -2.68
CA PRO A 227 6.94 -25.40 -1.96
C PRO A 227 8.06 -24.56 -2.53
N THR A 228 7.82 -23.83 -3.62
CA THR A 228 8.85 -23.04 -4.30
C THR A 228 8.39 -21.59 -4.25
N GLN A 229 9.18 -20.74 -3.55
CA GLN A 229 8.78 -19.33 -3.35
C GLN A 229 8.94 -18.54 -4.63
N GLN A 230 8.00 -17.74 -4.93
CA GLN A 230 7.99 -17.03 -6.20
C GLN A 230 8.38 -15.57 -6.02
N LYS A 231 8.83 -14.96 -7.12
CA LYS A 231 9.26 -13.58 -7.12
C LYS A 231 8.12 -12.60 -7.40
N THR A 232 8.24 -11.41 -6.83
CA THR A 232 7.28 -10.36 -7.15
C THR A 232 7.46 -9.87 -8.59
N PHE A 233 6.44 -9.17 -9.06
CA PHE A 233 6.50 -8.52 -10.37
C PHE A 233 7.71 -7.61 -10.48
N PHE A 234 7.98 -6.82 -9.44
CA PHE A 234 9.13 -5.92 -9.48
C PHE A 234 10.44 -6.69 -9.52
N ASP A 235 10.55 -7.74 -8.72
CA ASP A 235 11.76 -8.55 -8.72
C ASP A 235 12.00 -9.17 -10.09
N ASN A 236 10.95 -9.66 -10.74
CA ASN A 236 11.10 -10.21 -12.09
C ASN A 236 11.44 -9.16 -13.12
N ALA A 237 10.93 -7.95 -12.98
CA ALA A 237 11.16 -6.90 -13.96
C ALA A 237 12.49 -6.18 -13.79
N LYS A 238 13.09 -6.22 -12.59
N LYS A 238 13.05 -6.25 -12.58
CA LYS A 238 14.06 -5.19 -12.23
CA LYS A 238 14.10 -5.32 -12.15
C LYS A 238 15.33 -5.22 -13.09
C LYS A 238 15.25 -5.25 -13.14
N ALA A 239 15.77 -6.40 -13.54
CA ALA A 239 16.96 -6.44 -14.38
C ALA A 239 16.73 -5.77 -15.74
N SER A 240 15.49 -5.77 -16.21
CA SER A 240 15.14 -5.17 -17.49
C SER A 240 14.89 -3.69 -17.40
N LEU A 241 14.64 -3.19 -16.20
CA LEU A 241 14.27 -1.78 -16.05
C LEU A 241 15.47 -0.88 -16.30
N ASP A 242 15.18 0.34 -16.77
CA ASP A 242 16.25 1.31 -16.96
C ASP A 242 17.01 1.57 -15.66
N SER A 243 16.27 1.64 -14.55
CA SER A 243 16.83 1.80 -13.22
CA SER A 243 16.83 1.79 -13.22
C SER A 243 16.01 0.90 -12.31
N PRO A 244 16.63 0.27 -11.30
CA PRO A 244 15.89 -0.74 -10.51
C PRO A 244 15.06 -0.13 -9.39
N VAL A 245 14.05 0.62 -9.81
CA VAL A 245 13.23 1.42 -8.91
C VAL A 245 11.78 1.36 -9.35
N PHE A 246 10.88 1.62 -8.40
CA PHE A 246 9.53 2.01 -8.73
C PHE A 246 9.17 3.16 -7.81
N THR A 247 8.17 3.94 -8.24
CA THR A 247 7.72 5.09 -7.47
C THR A 247 6.22 5.05 -7.27
N ALA A 248 5.79 5.51 -6.09
CA ALA A 248 4.39 5.64 -5.73
C ALA A 248 4.08 7.11 -5.58
N ASP A 249 3.08 7.58 -6.31
CA ASP A 249 2.62 8.97 -6.27
C ASP A 249 1.11 8.89 -6.11
N LEU A 250 0.66 8.63 -4.89
CA LEU A 250 -0.76 8.47 -4.62
C LEU A 250 -1.43 9.83 -4.48
N GLY A 251 -2.63 9.94 -5.03
CA GLY A 251 -3.40 11.18 -4.95
C GLY A 251 -4.28 11.27 -3.72
N TYR A 252 -4.55 12.50 -3.30
CA TYR A 252 -5.57 12.76 -2.29
C TYR A 252 -6.87 13.01 -3.02
N HIS A 253 -7.82 12.11 -2.84
CA HIS A 253 -9.13 12.23 -3.48
C HIS A 253 -8.97 12.42 -4.99
N ALA A 254 -8.00 11.75 -5.58
CA ALA A 254 -7.69 11.95 -6.98
C ALA A 254 -6.79 10.80 -7.43
N PRO A 255 -6.74 10.52 -8.73
CA PRO A 255 -5.80 9.50 -9.20
C PRO A 255 -4.35 9.93 -9.03
N GLY A 256 -3.48 8.93 -9.08
CA GLY A 256 -2.04 9.10 -8.99
C GLY A 256 -1.37 8.14 -9.92
N THR A 257 -0.09 7.84 -9.66
CA THR A 257 0.73 7.09 -10.61
C THR A 257 1.69 6.17 -9.90
N TYR A 258 1.81 4.95 -10.45
CA TYR A 258 2.93 4.06 -10.18
C TYR A 258 3.81 4.02 -11.41
N ASN A 259 5.10 4.34 -11.25
CA ASN A 259 6.07 4.23 -12.32
C ASN A 259 7.09 3.15 -11.97
N PHE A 260 7.56 2.44 -13.00
CA PHE A 260 8.59 1.42 -12.87
C PHE A 260 9.76 1.78 -13.77
N GLY A 261 10.96 1.80 -13.18
CA GLY A 261 12.18 1.92 -13.93
C GLY A 261 12.68 3.33 -14.15
N PHE A 262 11.98 4.35 -13.67
CA PHE A 262 12.44 5.72 -13.84
C PHE A 262 11.81 6.61 -12.79
N ILE A 263 12.45 7.75 -12.56
N ILE A 263 12.51 7.71 -12.52
CA ILE A 263 11.97 8.74 -11.60
CA ILE A 263 12.05 8.80 -11.66
C ILE A 263 11.56 9.98 -12.38
C ILE A 263 11.51 9.87 -12.57
N ASP A 264 10.26 10.29 -12.34
CA ASP A 264 9.67 11.41 -13.07
C ASP A 264 10.02 12.66 -12.29
N THR A 265 11.01 13.41 -12.77
CA THR A 265 11.48 14.58 -12.04
C THR A 265 10.49 15.73 -12.08
N THR A 266 9.42 15.63 -12.87
CA THR A 266 8.37 16.65 -12.88
C THR A 266 7.28 16.38 -11.85
N ALA A 267 7.36 15.26 -11.14
CA ALA A 267 6.25 14.84 -10.29
C ALA A 267 6.39 15.26 -8.84
N TYR A 268 7.46 15.94 -8.48
CA TYR A 268 7.69 16.34 -7.11
C TYR A 268 8.34 17.71 -7.10
N THR A 269 8.32 18.34 -5.92
CA THR A 269 8.98 19.61 -5.71
C THR A 269 10.22 19.37 -4.88
N GLY A 270 11.16 20.32 -4.95
CA GLY A 270 12.37 20.20 -4.17
C GLY A 270 13.16 18.97 -4.57
N SER A 271 13.83 18.40 -3.57
N SER A 271 13.82 18.39 -3.57
CA SER A 271 14.68 17.24 -3.77
CA SER A 271 14.68 17.24 -3.76
C SER A 271 14.08 16.01 -3.09
C SER A 271 14.09 16.01 -3.07
N ILE A 272 14.55 14.85 -3.52
CA ILE A 272 14.18 13.58 -2.89
C ILE A 272 15.22 13.28 -1.81
N THR A 273 14.76 13.04 -0.59
CA THR A 273 15.65 12.63 0.49
C THR A 273 15.56 11.12 0.63
N TYR A 274 16.72 10.47 0.48
CA TYR A 274 16.80 9.03 0.61
C TYR A 274 17.18 8.65 2.03
N THR A 275 16.71 7.49 2.44
CA THR A 275 16.89 7.01 3.79
C THR A 275 17.07 5.50 3.76
N ALA A 276 17.79 4.97 4.75
CA ALA A 276 18.15 3.57 4.74
C ALA A 276 16.94 2.66 4.95
N VAL A 277 17.02 1.47 4.38
CA VAL A 277 15.98 0.45 4.50
C VAL A 277 16.59 -0.80 5.11
N SER A 278 15.86 -1.43 6.04
CA SER A 278 16.14 -2.78 6.48
C SER A 278 15.19 -3.73 5.79
N THR A 279 15.73 -4.79 5.17
CA THR A 279 14.91 -5.82 4.57
C THR A 279 14.74 -7.04 5.47
N LYS A 280 15.17 -6.94 6.73
CA LYS A 280 15.25 -8.11 7.60
C LYS A 280 13.88 -8.73 7.85
N GLN A 281 12.80 -7.95 7.81
CA GLN A 281 11.46 -8.48 7.97
C GLN A 281 10.72 -8.61 6.64
N GLY A 282 11.40 -8.36 5.53
CA GLY A 282 10.79 -8.46 4.22
C GLY A 282 10.06 -7.24 3.75
N PHE A 283 10.14 -6.18 4.52
CA PHE A 283 9.37 -4.97 4.23
C PHE A 283 10.27 -3.82 3.85
N TRP A 284 9.68 -2.77 3.29
CA TRP A 284 10.37 -1.50 3.08
C TRP A 284 10.38 -0.76 4.42
N GLU A 285 11.28 -1.20 5.29
CA GLU A 285 11.31 -0.74 6.68
C GLU A 285 12.39 0.33 6.82
N TRP A 286 12.05 1.43 7.47
CA TRP A 286 12.89 2.61 7.54
C TRP A 286 12.65 3.27 8.88
N THR A 287 13.41 4.32 9.17
CA THR A 287 13.31 5.00 10.46
C THR A 287 13.08 6.48 10.21
N SER A 288 11.88 6.95 10.52
CA SER A 288 11.60 8.38 10.50
C SER A 288 12.35 9.06 11.63
N THR A 289 12.71 10.32 11.41
CA THR A 289 13.48 11.08 12.36
C THR A 289 12.64 11.90 13.33
N GLY A 290 11.31 11.90 13.19
CA GLY A 290 10.46 12.50 14.21
C GLY A 290 9.18 13.03 13.61
N TYR A 291 8.53 13.91 14.37
CA TYR A 291 7.23 14.39 13.94
C TYR A 291 6.93 15.77 14.54
N ALA A 292 5.94 16.43 13.93
CA ALA A 292 5.33 17.61 14.52
C ALA A 292 3.83 17.52 14.33
N VAL A 293 3.09 18.16 15.23
CA VAL A 293 1.64 18.27 15.14
C VAL A 293 1.30 19.71 14.81
N GLY A 294 0.58 19.92 13.72
CA GLY A 294 0.21 21.26 13.29
C GLY A 294 1.43 22.14 13.20
N SER A 295 1.31 23.35 13.73
CA SER A 295 2.40 24.31 13.74
CA SER A 295 2.40 24.31 13.74
C SER A 295 3.34 24.13 14.91
N GLY A 296 3.22 23.03 15.64
CA GLY A 296 4.04 22.78 16.81
C GLY A 296 5.48 22.46 16.46
N THR A 297 6.29 22.43 17.51
CA THR A 297 7.72 22.18 17.32
C THR A 297 7.96 20.72 16.93
N PHE A 298 8.99 20.53 16.13
CA PHE A 298 9.36 19.19 15.70
C PHE A 298 10.02 18.43 16.84
N LYS A 299 9.53 17.22 17.09
CA LYS A 299 10.09 16.32 18.08
C LYS A 299 11.01 15.35 17.37
N SER A 300 12.30 15.40 17.68
CA SER A 300 13.28 14.49 17.11
C SER A 300 13.23 13.18 17.88
N THR A 301 12.84 12.11 17.21
CA THR A 301 12.74 10.80 17.82
C THR A 301 12.68 9.79 16.69
N SER A 302 13.34 8.64 16.88
CA SER A 302 13.38 7.62 15.84
C SER A 302 12.11 6.81 15.86
N ILE A 303 11.45 6.69 14.71
CA ILE A 303 10.23 5.91 14.57
C ILE A 303 10.45 4.91 13.44
N ASP A 304 10.70 3.66 13.80
CA ASP A 304 10.86 2.59 12.81
CA ASP A 304 10.87 2.60 12.81
C ASP A 304 9.50 2.15 12.29
N GLY A 305 9.36 2.06 10.97
CA GLY A 305 8.09 1.60 10.44
C GLY A 305 8.25 1.18 9.00
N ILE A 306 7.15 0.80 8.38
CA ILE A 306 7.18 0.31 7.01
C ILE A 306 6.40 1.23 6.08
N ALA A 307 6.89 1.40 4.86
CA ALA A 307 6.16 2.12 3.82
C ALA A 307 5.24 1.10 3.17
N ASP A 308 3.91 1.24 3.40
CA ASP A 308 2.94 0.21 3.03
C ASP A 308 1.76 0.81 2.26
N THR A 309 1.83 0.75 0.93
CA THR A 309 0.75 1.29 0.10
C THR A 309 -0.55 0.52 0.27
N GLY A 310 -0.51 -0.69 0.78
CA GLY A 310 -1.70 -1.49 0.97
C GLY A 310 -2.42 -1.28 2.29
N THR A 311 -1.93 -0.38 3.13
CA THR A 311 -2.61 -0.02 4.37
C THR A 311 -3.14 1.40 4.22
N THR A 312 -4.39 1.61 4.60
CA THR A 312 -5.03 2.90 4.38
C THR A 312 -4.44 3.99 5.26
N LEU A 313 -4.28 3.70 6.55
CA LEU A 313 -4.03 4.71 7.56
C LEU A 313 -2.57 4.75 7.99
N LEU A 314 -2.28 5.73 8.84
CA LEU A 314 -0.96 5.93 9.43
C LEU A 314 -1.01 5.42 10.87
N TYR A 315 -0.25 4.37 11.16
CA TYR A 315 -0.23 3.72 12.48
C TYR A 315 1.11 4.02 13.14
N LEU A 316 1.06 4.70 14.27
CA LEU A 316 2.25 5.19 14.95
C LEU A 316 2.16 4.90 16.44
N PRO A 317 3.26 5.08 17.18
CA PRO A 317 3.24 4.77 18.61
C PRO A 317 2.18 5.58 19.34
N ALA A 318 1.66 4.98 20.41
CA ALA A 318 0.55 5.57 21.15
C ALA A 318 0.88 6.96 21.66
N THR A 319 2.13 7.21 22.05
CA THR A 319 2.51 8.53 22.53
C THR A 319 2.32 9.58 21.44
N VAL A 320 2.77 9.27 20.22
CA VAL A 320 2.67 10.18 19.09
C VAL A 320 1.22 10.44 18.75
N VAL A 321 0.44 9.36 18.68
CA VAL A 321 -0.97 9.47 18.30
C VAL A 321 -1.76 10.28 19.33
N SER A 322 -1.46 10.08 20.61
CA SER A 322 -2.11 10.85 21.67
C SER A 322 -1.77 12.32 21.53
N ALA A 323 -0.50 12.63 21.23
CA ALA A 323 -0.13 14.02 21.06
C ALA A 323 -0.88 14.67 19.90
N TYR A 324 -1.08 13.93 18.81
CA TYR A 324 -1.83 14.48 17.69
C TYR A 324 -3.28 14.77 18.08
N TRP A 325 -3.99 13.77 18.60
CA TRP A 325 -5.42 13.92 18.84
C TRP A 325 -5.73 14.86 20.00
N ALA A 326 -4.76 15.10 20.87
CA ALA A 326 -4.93 16.07 21.94
C ALA A 326 -5.14 17.47 21.40
N GLN A 327 -4.76 17.71 20.15
CA GLN A 327 -4.95 19.01 19.52
C GLN A 327 -6.27 19.14 18.80
N VAL A 328 -7.14 18.16 18.92
CA VAL A 328 -8.46 18.18 18.28
C VAL A 328 -9.51 18.11 19.39
N SER A 329 -10.23 19.22 19.59
CA SER A 329 -11.21 19.26 20.66
CA SER A 329 -11.23 19.28 20.65
C SER A 329 -12.27 18.19 20.45
N GLY A 330 -12.48 17.39 21.49
CA GLY A 330 -13.49 16.36 21.46
C GLY A 330 -13.02 15.03 20.92
N ALA A 331 -11.79 14.94 20.41
CA ALA A 331 -11.30 13.67 19.92
C ALA A 331 -11.00 12.73 21.09
N LYS A 332 -11.24 11.44 20.86
CA LYS A 332 -11.02 10.46 21.91
C LYS A 332 -10.81 9.11 21.26
N SER A 333 -10.14 8.22 21.99
CA SER A 333 -10.03 6.84 21.56
C SER A 333 -11.26 6.07 22.02
N SER A 334 -11.92 5.42 21.09
CA SER A 334 -13.14 4.65 21.34
C SER A 334 -12.82 3.17 21.17
N SER A 335 -12.89 2.43 22.28
CA SER A 335 -12.69 0.99 22.17
CA SER A 335 -12.70 0.98 22.20
C SER A 335 -13.77 0.33 21.33
N SER A 336 -15.00 0.84 21.39
CA SER A 336 -16.09 0.20 20.66
C SER A 336 -15.97 0.44 19.17
N VAL A 337 -15.50 1.62 18.77
CA VAL A 337 -15.32 1.88 17.35
C VAL A 337 -14.02 1.27 16.84
N GLY A 338 -12.99 1.22 17.67
CA GLY A 338 -11.72 0.65 17.30
C GLY A 338 -10.63 1.65 17.01
N GLY A 339 -10.69 2.83 17.60
CA GLY A 339 -9.61 3.79 17.44
C GLY A 339 -10.09 5.17 17.79
N TYR A 340 -9.27 6.14 17.41
CA TYR A 340 -9.57 7.54 17.64
C TYR A 340 -10.65 8.00 16.69
N VAL A 341 -11.61 8.70 17.27
CA VAL A 341 -12.71 9.35 16.57
C VAL A 341 -12.69 10.81 16.97
N PHE A 342 -13.31 11.63 16.16
CA PHE A 342 -13.31 13.06 16.42
C PHE A 342 -14.60 13.67 15.89
N PRO A 343 -14.98 14.85 16.38
CA PRO A 343 -16.20 15.47 15.88
C PRO A 343 -16.06 15.86 14.42
N CYS A 344 -17.07 15.52 13.62
CA CYS A 344 -16.96 15.82 12.20
C CYS A 344 -16.88 17.31 11.95
N SER A 345 -17.32 18.15 12.91
CA SER A 345 -17.20 19.59 12.78
C SER A 345 -15.78 20.11 13.01
N ALA A 346 -14.84 19.28 13.43
CA ALA A 346 -13.49 19.76 13.70
C ALA A 346 -12.74 20.09 12.42
N THR A 347 -11.81 21.04 12.53
CA THR A 347 -10.76 21.24 11.54
C THR A 347 -9.50 20.56 12.07
N LEU A 348 -8.97 19.60 11.31
CA LEU A 348 -7.85 18.82 11.80
C LEU A 348 -6.53 19.54 11.54
N PRO A 349 -5.59 19.43 12.47
CA PRO A 349 -4.24 19.94 12.21
C PRO A 349 -3.46 19.00 11.28
N SER A 350 -2.44 19.57 10.65
CA SER A 350 -1.53 18.76 9.86
C SER A 350 -0.68 17.89 10.77
N PHE A 351 0.02 16.93 10.16
CA PHE A 351 0.97 16.09 10.85
C PHE A 351 2.21 16.01 9.97
N THR A 352 3.38 16.30 10.54
CA THR A 352 4.63 16.28 9.80
C THR A 352 5.45 15.10 10.29
N PHE A 353 6.04 14.36 9.35
CA PHE A 353 7.02 13.35 9.72
C PHE A 353 8.37 13.66 9.08
N GLY A 354 9.43 13.24 9.77
CA GLY A 354 10.78 13.47 9.31
C GLY A 354 11.33 12.34 8.45
N VAL A 355 12.05 12.73 7.42
CA VAL A 355 12.83 11.82 6.58
C VAL A 355 14.22 12.43 6.55
N GLY A 356 15.13 11.86 7.33
CA GLY A 356 16.40 12.53 7.55
C GLY A 356 16.13 13.94 8.04
N SER A 357 16.79 14.92 7.42
CA SER A 357 16.57 16.31 7.79
CA SER A 357 16.58 16.32 7.78
C SER A 357 15.37 16.92 7.08
N ALA A 358 14.74 16.20 6.17
CA ALA A 358 13.61 16.68 5.43
C ALA A 358 12.31 16.42 6.20
N ARG A 359 11.25 17.06 5.73
CA ARG A 359 9.97 17.01 6.43
C ARG A 359 8.87 16.84 5.39
N ILE A 360 7.99 15.89 5.63
CA ILE A 360 6.79 15.67 4.81
C ILE A 360 5.58 16.08 5.64
N VAL A 361 4.78 16.98 5.10
CA VAL A 361 3.61 17.51 5.80
C VAL A 361 2.35 16.84 5.25
N ILE A 362 1.63 16.17 6.14
CA ILE A 362 0.32 15.59 5.82
C ILE A 362 -0.73 16.64 6.18
N PRO A 363 -1.44 17.21 5.21
CA PRO A 363 -2.50 18.17 5.57
C PRO A 363 -3.57 17.53 6.43
N GLY A 364 -4.17 18.34 7.29
CA GLY A 364 -5.21 17.86 8.19
C GLY A 364 -6.32 17.13 7.47
N ASP A 365 -6.72 17.63 6.30
N ASP A 365 -6.73 17.62 6.30
CA ASP A 365 -7.83 17.00 5.60
CA ASP A 365 -7.87 16.98 5.65
C ASP A 365 -7.53 15.55 5.26
C ASP A 365 -7.52 15.61 5.07
N TYR A 366 -6.25 15.21 5.07
CA TYR A 366 -5.91 13.83 4.70
C TYR A 366 -6.19 12.85 5.83
N ILE A 367 -6.37 13.37 7.05
CA ILE A 367 -6.53 12.57 8.25
C ILE A 367 -8.00 12.33 8.57
N ASP A 368 -8.91 12.88 7.77
CA ASP A 368 -10.35 12.72 7.99
C ASP A 368 -10.85 11.52 7.18
N PHE A 369 -11.34 10.49 7.87
CA PHE A 369 -11.92 9.33 7.20
C PHE A 369 -13.42 9.25 7.36
N GLY A 370 -14.05 10.36 7.70
CA GLY A 370 -15.46 10.50 7.57
C GLY A 370 -16.24 9.82 8.68
N PRO A 371 -17.56 9.94 8.59
CA PRO A 371 -18.44 9.40 9.64
C PRO A 371 -18.21 7.91 9.88
N ILE A 372 -18.27 7.53 11.16
CA ILE A 372 -18.05 6.14 11.53
C ILE A 372 -19.14 5.24 10.96
N SER A 373 -20.33 5.78 10.80
CA SER A 373 -21.47 5.14 10.17
C SER A 373 -22.26 6.23 9.48
N THR A 374 -23.03 5.86 8.47
CA THR A 374 -23.72 6.87 7.69
C THR A 374 -24.57 7.76 8.59
N GLY A 375 -24.40 9.07 8.43
CA GLY A 375 -25.16 10.05 9.17
C GLY A 375 -24.60 10.41 10.53
N SER A 376 -23.56 9.73 10.99
CA SER A 376 -22.99 10.03 12.29
C SER A 376 -22.21 11.33 12.22
N SER A 377 -22.17 12.05 13.34
CA SER A 377 -21.29 13.21 13.48
C SER A 377 -19.97 12.87 14.15
N SER A 378 -19.71 11.59 14.40
CA SER A 378 -18.40 11.14 14.85
CA SER A 378 -18.41 11.14 14.85
C SER A 378 -17.66 10.61 13.64
N CYS A 379 -16.43 11.09 13.46
CA CYS A 379 -15.63 10.78 12.29
C CYS A 379 -14.42 9.95 12.71
N PHE A 380 -13.96 9.10 11.80
CA PHE A 380 -12.85 8.22 12.11
C PHE A 380 -11.52 8.86 11.74
N GLY A 381 -10.55 8.79 12.64
CA GLY A 381 -9.26 9.40 12.39
C GLY A 381 -8.34 8.59 11.51
N GLY A 382 -7.50 9.30 10.75
CA GLY A 382 -6.55 8.67 9.85
C GLY A 382 -5.20 8.37 10.44
N ILE A 383 -4.95 8.80 11.68
CA ILE A 383 -3.77 8.48 12.44
C ILE A 383 -4.24 7.66 13.63
N GLN A 384 -3.71 6.45 13.79
CA GLN A 384 -4.16 5.52 14.80
C GLN A 384 -2.94 4.88 15.45
N SER A 385 -3.17 4.33 16.64
CA SER A 385 -2.08 3.69 17.37
C SER A 385 -1.67 2.37 16.74
N SER A 386 -0.37 2.14 16.69
CA SER A 386 0.19 0.86 16.26
C SER A 386 0.38 -0.09 17.43
N ALA A 387 -0.03 0.28 18.64
N ALA A 387 -0.03 0.29 18.64
CA ALA A 387 0.07 -0.63 19.77
CA ALA A 387 0.34 -0.48 19.83
C ALA A 387 -0.77 -1.87 19.53
C ALA A 387 -0.05 -1.94 19.71
N GLY A 388 -0.16 -3.03 19.69
N GLY A 388 -1.22 -2.22 19.10
CA GLY A 388 -0.81 -4.28 19.41
CA GLY A 388 -1.70 -3.58 18.93
C GLY A 388 -0.63 -4.78 18.00
C GLY A 388 -1.23 -4.29 17.69
N ILE A 389 -0.26 -3.89 17.06
N ILE A 389 -0.39 -3.66 16.88
CA ILE A 389 0.04 -4.31 15.70
CA ILE A 389 0.09 -4.23 15.62
C ILE A 389 1.49 -4.79 15.60
C ILE A 389 1.43 -4.92 15.77
N GLY A 390 2.37 -4.29 16.47
CA GLY A 390 3.74 -4.76 16.54
C GLY A 390 4.70 -4.06 15.60
N ILE A 391 4.21 -3.14 14.78
CA ILE A 391 5.07 -2.39 13.87
C ILE A 391 4.33 -1.11 13.52
N ASN A 392 5.09 -0.04 13.31
CA ASN A 392 4.50 1.19 12.83
C ASN A 392 4.35 1.11 11.31
N ILE A 393 3.28 1.70 10.80
CA ILE A 393 2.94 1.57 9.39
C ILE A 393 2.69 2.95 8.79
N PHE A 394 3.55 3.35 7.86
CA PHE A 394 3.33 4.54 7.05
C PHE A 394 2.50 4.10 5.87
N GLY A 395 1.18 4.11 6.08
CA GLY A 395 0.23 3.77 5.05
C GLY A 395 -0.10 4.95 4.16
N ASP A 396 -1.23 4.79 3.46
CA ASP A 396 -1.57 5.73 2.40
C ASP A 396 -1.69 7.16 2.92
N VAL A 397 -2.24 7.35 4.14
CA VAL A 397 -2.36 8.69 4.70
C VAL A 397 -1.03 9.43 4.64
N ALA A 398 0.06 8.76 5.00
CA ALA A 398 1.39 9.35 4.94
C ALA A 398 1.93 9.37 3.52
N LEU A 399 1.85 8.25 2.83
CA LEU A 399 2.52 8.14 1.54
C LEU A 399 1.91 9.09 0.51
N LYS A 400 0.59 9.34 0.56
CA LYS A 400 -0.04 10.20 -0.43
CA LYS A 400 0.01 10.19 -0.47
C LYS A 400 0.38 11.66 -0.30
N ALA A 401 1.01 12.04 0.82
CA ALA A 401 1.56 13.38 0.96
C ALA A 401 2.93 13.51 0.31
N ALA A 402 3.46 12.45 -0.29
CA ALA A 402 4.82 12.45 -0.80
C ALA A 402 4.88 11.78 -2.16
N PHE A 403 5.97 12.04 -2.85
CA PHE A 403 6.42 11.24 -3.97
C PHE A 403 7.46 10.28 -3.39
N VAL A 404 7.21 8.98 -3.54
CA VAL A 404 7.97 7.98 -2.80
C VAL A 404 8.71 7.08 -3.78
N VAL A 405 10.01 6.97 -3.59
CA VAL A 405 10.88 6.14 -4.42
C VAL A 405 11.22 4.88 -3.65
N PHE A 406 10.90 3.74 -4.24
CA PHE A 406 11.27 2.43 -3.73
C PHE A 406 12.46 1.99 -4.58
N ASN A 407 13.65 2.16 -4.02
CA ASN A 407 14.89 1.91 -4.75
C ASN A 407 15.35 0.48 -4.45
N GLY A 408 15.21 -0.38 -5.46
CA GLY A 408 15.59 -1.79 -5.32
C GLY A 408 16.98 -2.12 -5.82
N ALA A 409 17.91 -1.20 -5.65
CA ALA A 409 19.30 -1.48 -5.89
C ALA A 409 19.79 -2.55 -4.91
N THR A 410 21.03 -3.01 -5.13
CA THR A 410 21.59 -4.09 -4.32
C THR A 410 21.41 -3.81 -2.83
N THR A 411 21.66 -2.56 -2.42
CA THR A 411 21.26 -2.13 -1.08
C THR A 411 20.04 -1.24 -1.23
N PRO A 412 18.83 -1.71 -0.93
CA PRO A 412 17.64 -0.89 -1.17
C PRO A 412 17.64 0.34 -0.28
N THR A 413 16.98 1.40 -0.78
CA THR A 413 16.71 2.59 0.00
C THR A 413 15.33 3.10 -0.36
N LEU A 414 14.81 4.01 0.47
N LEU A 414 14.90 4.13 0.36
CA LEU A 414 13.57 4.71 0.20
CA LEU A 414 13.57 4.70 0.22
C LEU A 414 13.88 6.19 0.01
C LEU A 414 13.72 6.20 0.14
N GLY A 415 13.17 6.82 -0.90
CA GLY A 415 13.23 8.26 -1.08
C GLY A 415 11.87 8.89 -0.91
N PHE A 416 11.87 10.08 -0.31
CA PHE A 416 10.65 10.85 -0.15
C PHE A 416 10.88 12.29 -0.61
N ALA A 417 9.95 12.81 -1.40
CA ALA A 417 9.91 14.21 -1.75
C ALA A 417 8.52 14.77 -1.50
N SER A 418 8.47 16.06 -1.21
CA SER A 418 7.19 16.77 -1.23
C SER A 418 6.71 16.92 -2.67
N LYS A 419 5.43 17.23 -2.83
CA LYS A 419 4.88 17.37 -4.17
C LYS A 419 3.74 18.36 -4.21
C4 RAY B . 1.54 -15.09 5.38
C5 RAY B . 2.27 -12.79 4.94
C6 RAY B . 1.24 -12.08 5.54
C7 RAY B . 1.15 -10.71 5.35
C8 RAY B . 2.07 -10.04 4.58
C9 RAY B . 3.07 -10.76 4.00
C10 RAY B . 3.20 -12.11 4.16
F RAY B . 3.95 -10.13 3.22
N RAY B . 2.45 -14.18 5.04
O2 RAY B . 0.43 -14.81 5.75
C3 RAY B . 1.96 -16.53 5.24
O1 RAY B . 3.36 -16.72 5.14
C2 RAY B . 3.73 -18.07 4.94
C1 RAY B . 5.20 -18.15 4.85
O RAY B . 5.69 -17.43 3.74
C RAY B . 7.07 -17.43 3.53
#